data_9L6A
#
_entry.id   9L6A
#
_cell.length_a   67.936
_cell.length_b   67.936
_cell.length_c   200.100
_cell.angle_alpha   90.00
_cell.angle_beta   90.00
_cell.angle_gamma   120.00
#
_symmetry.space_group_name_H-M   'H 3 2'
#
loop_
_entity.id
_entity.type
_entity.pdbx_description
1 polymer 'Isoform 2B of GTPase KRas'
2 non-polymer "GUANOSINE-5'-DIPHOSPHATE"
3 non-polymer 'MAGNESIUM ION'
4 non-polymer 6-cyclopropyl-4-[(1~{S},4~{S})-2,5-diazabicyclo[2.2.1]heptan-2-yl]-7-(6-fluoranyl-5-methyl-1~{H}-indazol-4-yl)-2-(oxan-4-yloxy)-8-phenylmethoxy-quinazoline
5 water water
#
_entity_poly.entity_id   1
_entity_poly.type   'polypeptide(L)'
_entity_poly.pdbx_seq_one_letter_code
;GMTEYKLVVVGADGVGKSALTIQLIQNHFVDEYDPTIEDSYRKQVVIDGETCLLDILDTAGQEEYSAMRDQYMRTGEGFL
CVFAINNTKSFEDIHHYREQIKRVKDSEDVPMVLVGNKCDLPSRTVDTKQAQDLARSYGIPFIETSAKTRQGVDDAFYTL
VREIRKHKEK
;
_entity_poly.pdbx_strand_id   A
#
loop_
_chem_comp.id
_chem_comp.type
_chem_comp.name
_chem_comp.formula
A1L65 non-polymer 6-cyclopropyl-4-[(1~{S},4~{S})-2,5-diazabicyclo[2.2.1]heptan-2-yl]-7-(6-fluoranyl-5-methyl-1~{H}-indazol-4-yl)-2-(oxan-4-yloxy)-8-phenylmethoxy-quinazoline 'C36 H37 F N6 O3'
GDP RNA linking GUANOSINE-5'-DIPHOSPHATE 'C10 H15 N5 O11 P2'
MG non-polymer 'MAGNESIUM ION' 'Mg 2'
#
# COMPACT_ATOMS: atom_id res chain seq x y z
N MET A 2 -1.80 15.93 -13.91
CA MET A 2 -2.08 17.30 -13.27
C MET A 2 -3.11 17.25 -12.10
N THR A 3 -4.18 16.44 -12.17
CA THR A 3 -4.85 16.01 -10.93
C THR A 3 -3.82 15.26 -10.06
N GLU A 4 -3.79 15.58 -8.77
CA GLU A 4 -2.85 14.93 -7.85
C GLU A 4 -3.63 14.05 -6.89
N TYR A 5 -3.08 12.85 -6.64
CA TYR A 5 -3.64 11.95 -5.65
C TYR A 5 -2.56 11.66 -4.61
N LYS A 6 -2.96 11.77 -3.34
CA LYS A 6 -2.06 11.47 -2.25
C LYS A 6 -2.30 10.02 -1.83
N LEU A 7 -1.28 9.17 -2.05
CA LEU A 7 -1.38 7.75 -1.65
C LEU A 7 -0.48 7.53 -0.43
N VAL A 8 -0.90 6.64 0.47
CA VAL A 8 -0.10 6.34 1.65
C VAL A 8 0.11 4.83 1.69
N VAL A 9 1.37 4.43 1.88
CA VAL A 9 1.74 3.01 1.86
C VAL A 9 2.07 2.58 3.29
N VAL A 10 1.37 1.59 3.81
CA VAL A 10 1.55 1.19 5.21
C VAL A 10 1.79 -0.32 5.25
N GLY A 11 2.24 -0.82 6.41
CA GLY A 11 2.43 -2.25 6.60
C GLY A 11 3.63 -2.53 7.51
N ALA A 12 3.73 -3.76 7.99
CA ALA A 12 4.77 -4.16 8.94
C ALA A 12 6.19 -3.95 8.40
N ASP A 13 7.16 -3.92 9.36
CA ASP A 13 8.55 -3.74 8.98
C ASP A 13 8.95 -4.80 7.98
N GLY A 14 9.57 -4.36 6.88
CA GLY A 14 10.18 -5.33 5.96
C GLY A 14 9.21 -5.91 4.94
N VAL A 15 7.95 -5.44 4.87
CA VAL A 15 7.04 -6.09 3.93
C VAL A 15 7.27 -5.65 2.47
N GLY A 16 7.98 -4.54 2.27
CA GLY A 16 8.20 -3.99 0.94
C GLY A 16 7.46 -2.67 0.66
N LYS A 17 7.13 -1.87 1.69
CA LYS A 17 6.55 -0.55 1.36
C LYS A 17 7.51 0.28 0.47
N SER A 18 8.79 0.35 0.89
CA SER A 18 9.74 1.18 0.15
C SER A 18 10.05 0.54 -1.20
N ALA A 19 10.27 -0.78 -1.23
CA ALA A 19 10.54 -1.41 -2.52
C ALA A 19 9.41 -1.23 -3.53
N LEU A 20 8.17 -1.37 -3.10
CA LEU A 20 7.04 -1.15 -3.98
C LEU A 20 7.09 0.26 -4.57
N THR A 21 7.27 1.24 -3.67
CA THR A 21 7.19 2.63 -4.09
C THR A 21 8.35 2.92 -5.06
N ILE A 22 9.55 2.43 -4.76
CA ILE A 22 10.69 2.75 -5.61
C ILE A 22 10.57 1.97 -6.92
N GLN A 23 9.97 0.78 -6.90
CA GLN A 23 9.83 0.05 -8.15
C GLN A 23 8.92 0.85 -9.06
N LEU A 24 7.81 1.34 -8.53
CA LEU A 24 6.86 2.13 -9.29
C LEU A 24 7.57 3.35 -9.89
N ILE A 25 8.25 4.13 -9.03
CA ILE A 25 8.73 5.46 -9.37
C ILE A 25 9.96 5.41 -10.25
N GLN A 26 10.89 4.50 -9.96
CA GLN A 26 12.22 4.52 -10.55
C GLN A 26 12.51 3.23 -11.33
N ASN A 27 11.53 2.33 -11.39
CA ASN A 27 11.63 1.10 -12.14
C ASN A 27 12.88 0.31 -11.76
N HIS A 28 13.26 0.29 -10.48
CA HIS A 28 14.19 -0.73 -10.05
C HIS A 28 13.83 -1.20 -8.64
N PHE A 29 14.50 -2.27 -8.21
CA PHE A 29 14.26 -2.95 -6.95
C PHE A 29 15.34 -2.56 -5.94
N VAL A 30 14.95 -2.06 -4.75
CA VAL A 30 15.92 -1.76 -3.70
C VAL A 30 16.07 -2.98 -2.80
N ASP A 31 17.32 -3.41 -2.63
CA ASP A 31 17.71 -4.55 -1.81
C ASP A 31 17.68 -4.11 -0.35
N GLU A 32 18.14 -2.87 -0.16
CA GLU A 32 18.22 -2.31 1.17
C GLU A 32 17.92 -0.83 1.01
N TYR A 33 16.76 -0.46 1.52
CA TYR A 33 16.40 0.94 1.65
C TYR A 33 16.17 1.16 3.14
N ASP A 34 16.84 2.18 3.66
CA ASP A 34 16.83 2.47 5.08
C ASP A 34 15.42 2.31 5.63
N PRO A 35 15.21 1.38 6.59
CA PRO A 35 13.86 1.12 7.07
C PRO A 35 13.22 2.25 7.85
N THR A 36 14.01 3.28 8.23
CA THR A 36 13.54 4.36 9.08
C THR A 36 13.27 5.61 8.26
N ILE A 37 13.51 5.56 6.95
CA ILE A 37 13.28 6.76 6.13
C ILE A 37 11.82 6.82 5.66
N GLU A 38 11.10 7.84 6.09
CA GLU A 38 9.74 8.08 5.66
C GLU A 38 9.72 9.36 4.84
N ASP A 39 9.21 9.28 3.61
CA ASP A 39 9.16 10.46 2.76
C ASP A 39 8.13 10.20 1.67
N SER A 40 7.75 11.27 0.96
CA SER A 40 6.85 11.20 -0.18
C SER A 40 7.64 11.32 -1.48
N TYR A 41 7.20 10.57 -2.48
CA TYR A 41 7.86 10.56 -3.78
C TYR A 41 6.79 10.74 -4.84
N ARG A 42 7.14 11.47 -5.92
CA ARG A 42 6.13 11.83 -6.88
C ARG A 42 6.35 11.05 -8.18
N LYS A 43 5.24 10.71 -8.82
CA LYS A 43 5.31 9.95 -10.05
C LYS A 43 4.07 10.23 -10.89
N GLN A 44 4.33 10.60 -12.14
CA GLN A 44 3.26 10.89 -13.06
C GLN A 44 2.95 9.64 -13.87
N VAL A 45 1.67 9.30 -13.97
CA VAL A 45 1.21 8.10 -14.68
C VAL A 45 -0.03 8.42 -15.50
N VAL A 46 -0.34 7.57 -16.48
CA VAL A 46 -1.56 7.67 -17.27
C VAL A 46 -2.38 6.42 -16.97
N ILE A 47 -3.55 6.60 -16.36
CA ILE A 47 -4.38 5.47 -15.98
C ILE A 47 -5.71 5.63 -16.69
N ASP A 48 -6.14 4.59 -17.42
CA ASP A 48 -7.36 4.62 -18.21
C ASP A 48 -7.38 5.90 -19.07
N GLY A 49 -6.20 6.27 -19.60
CA GLY A 49 -6.04 7.36 -20.55
C GLY A 49 -6.01 8.76 -19.92
N GLU A 50 -5.96 8.83 -18.58
CA GLU A 50 -6.01 10.11 -17.90
C GLU A 50 -4.76 10.25 -17.04
N THR A 51 -3.98 11.30 -17.31
CA THR A 51 -2.74 11.60 -16.64
C THR A 51 -3.05 12.13 -15.24
N CYS A 52 -2.30 11.58 -14.28
CA CYS A 52 -2.31 12.15 -12.95
C CYS A 52 -0.92 12.10 -12.32
N LEU A 53 -0.81 12.80 -11.19
CA LEU A 53 0.40 12.82 -10.40
C LEU A 53 0.12 12.04 -9.12
N LEU A 54 0.89 10.98 -8.88
CA LEU A 54 0.76 10.26 -7.62
C LEU A 54 1.77 10.85 -6.65
N ASP A 55 1.31 11.26 -5.46
CA ASP A 55 2.20 11.73 -4.43
C ASP A 55 2.14 10.70 -3.29
N ILE A 56 3.20 9.89 -3.22
CA ILE A 56 3.10 8.64 -2.47
C ILE A 56 3.97 8.77 -1.23
N LEU A 57 3.30 8.66 -0.07
CA LEU A 57 3.96 8.68 1.23
C LEU A 57 4.31 7.24 1.62
N ASP A 58 5.60 6.98 1.63
CA ASP A 58 6.18 5.71 2.02
C ASP A 58 6.41 5.77 3.52
N THR A 59 5.51 5.21 4.35
CA THR A 59 5.59 5.41 5.81
C THR A 59 6.67 4.52 6.44
N ALA A 60 7.21 4.97 7.59
CA ALA A 60 8.15 4.14 8.35
C ALA A 60 7.69 4.19 9.81
N GLY A 61 8.54 4.73 10.72
CA GLY A 61 8.17 4.85 12.13
C GLY A 61 8.39 3.57 12.91
N GLN A 62 8.13 3.66 14.19
CA GLN A 62 8.09 2.51 15.06
C GLN A 62 6.65 2.12 15.28
N GLU A 63 6.21 1.96 16.54
CA GLU A 63 4.86 1.51 16.83
C GLU A 63 4.09 2.54 17.66
N GLU A 64 4.59 3.78 17.80
CA GLU A 64 3.94 4.81 18.61
C GLU A 64 2.63 5.28 17.99
N TYR A 65 1.59 5.50 18.83
CA TYR A 65 0.45 6.33 18.50
C TYR A 65 0.80 7.81 18.72
N SER A 66 0.45 8.70 17.79
CA SER A 66 0.34 10.14 18.08
C SER A 66 -0.67 10.85 17.16
N ALA A 67 -1.27 11.95 17.65
CA ALA A 67 -2.16 12.78 16.85
C ALA A 67 -1.40 13.45 15.71
N MET A 68 -0.11 13.72 15.93
CA MET A 68 0.77 14.24 14.90
C MET A 68 0.82 13.27 13.71
N ARG A 69 1.08 11.99 14.01
CA ARG A 69 1.10 10.98 12.96
C ARG A 69 -0.26 10.90 12.27
N ASP A 70 -1.37 11.00 13.02
CA ASP A 70 -2.69 11.09 12.44
C ASP A 70 -2.81 12.17 11.38
N GLN A 71 -2.23 13.33 11.69
CA GLN A 71 -2.28 14.43 10.74
C GLN A 71 -1.60 14.03 9.42
N TYR A 72 -0.41 13.40 9.50
CA TYR A 72 0.29 12.94 8.30
C TYR A 72 -0.60 11.93 7.58
N MET A 73 -1.12 10.95 8.32
CA MET A 73 -1.97 9.91 7.74
C MET A 73 -3.24 10.51 7.13
N ARG A 74 -3.76 11.62 7.68
CA ARG A 74 -5.01 12.20 7.23
C ARG A 74 -4.94 12.83 5.82
N THR A 75 -3.73 13.18 5.37
CA THR A 75 -3.42 13.72 4.06
C THR A 75 -3.76 12.70 2.97
N GLY A 76 -3.68 11.41 3.29
CA GLY A 76 -3.96 10.38 2.30
C GLY A 76 -5.40 10.36 1.78
N GLU A 77 -5.50 10.11 0.49
CA GLU A 77 -6.78 9.90 -0.19
C GLU A 77 -7.03 8.41 -0.42
N GLY A 78 -5.92 7.65 -0.57
CA GLY A 78 -6.00 6.20 -0.76
C GLY A 78 -4.79 5.55 -0.12
N PHE A 79 -5.00 4.34 0.37
CA PHE A 79 -4.02 3.63 1.19
C PHE A 79 -3.76 2.25 0.59
N LEU A 80 -2.47 1.93 0.44
CA LEU A 80 -1.99 0.58 0.16
C LEU A 80 -1.63 -0.08 1.47
N CYS A 81 -2.33 -1.14 1.80
CA CYS A 81 -2.08 -1.86 3.04
C CYS A 81 -1.31 -3.12 2.65
N VAL A 82 -0.02 -3.16 3.00
CA VAL A 82 0.90 -4.16 2.46
C VAL A 82 1.23 -5.18 3.55
N PHE A 83 1.08 -6.47 3.20
CA PHE A 83 1.70 -7.53 4.00
C PHE A 83 2.60 -8.34 3.06
N ALA A 84 3.46 -9.18 3.63
CA ALA A 84 4.29 -10.06 2.81
C ALA A 84 3.77 -11.48 2.96
N ILE A 85 3.74 -12.19 1.84
CA ILE A 85 3.12 -13.53 1.80
C ILE A 85 3.92 -14.57 2.57
N ASN A 86 5.12 -14.22 3.04
CA ASN A 86 5.98 -15.07 3.85
C ASN A 86 6.11 -14.50 5.25
N ASN A 87 5.16 -13.70 5.70
CA ASN A 87 5.25 -13.03 6.99
C ASN A 87 3.84 -13.00 7.59
N THR A 88 3.47 -14.06 8.30
CA THR A 88 2.19 -14.24 8.94
C THR A 88 1.85 -13.05 9.84
N LYS A 89 2.85 -12.59 10.62
CA LYS A 89 2.61 -11.48 11.54
C LYS A 89 2.19 -10.22 10.75
N SER A 90 2.81 -9.98 9.57
CA SER A 90 2.46 -8.78 8.82
C SER A 90 1.02 -8.87 8.33
N PHE A 91 0.53 -10.06 8.00
CA PHE A 91 -0.86 -10.25 7.63
C PHE A 91 -1.79 -9.98 8.81
N GLU A 92 -1.40 -10.46 9.99
CA GLU A 92 -2.14 -10.29 11.20
C GLU A 92 -2.31 -8.81 11.54
N ASP A 93 -1.30 -8.01 11.20
CA ASP A 93 -1.31 -6.58 11.51
C ASP A 93 -2.25 -5.78 10.60
N ILE A 94 -2.72 -6.38 9.49
CA ILE A 94 -3.52 -5.59 8.55
C ILE A 94 -4.75 -4.98 9.20
N HIS A 95 -5.41 -5.70 10.08
CA HIS A 95 -6.65 -5.16 10.65
C HIS A 95 -6.40 -3.89 11.42
N HIS A 96 -5.28 -3.84 12.13
CA HIS A 96 -4.91 -2.64 12.86
C HIS A 96 -4.81 -1.44 11.92
N TYR A 97 -4.11 -1.64 10.79
CA TYR A 97 -3.93 -0.58 9.81
C TYR A 97 -5.28 -0.16 9.28
N ARG A 98 -6.16 -1.08 8.90
CA ARG A 98 -7.45 -0.62 8.39
C ARG A 98 -8.26 0.12 9.48
N GLU A 99 -8.23 -0.37 10.71
CA GLU A 99 -8.97 0.30 11.78
C GLU A 99 -8.47 1.73 11.98
N GLN A 100 -7.16 1.92 12.00
CA GLN A 100 -6.63 3.25 12.26
C GLN A 100 -6.92 4.17 11.09
N ILE A 101 -6.81 3.69 9.86
CA ILE A 101 -7.07 4.53 8.70
C ILE A 101 -8.55 4.93 8.68
N LYS A 102 -9.48 4.01 8.98
CA LYS A 102 -10.91 4.34 9.04
C LYS A 102 -11.13 5.42 10.10
N ARG A 103 -10.40 5.34 11.23
CA ARG A 103 -10.55 6.30 12.32
C ARG A 103 -10.06 7.68 11.86
N VAL A 104 -8.87 7.75 11.25
CA VAL A 104 -8.28 9.01 10.80
C VAL A 104 -9.14 9.69 9.73
N LYS A 105 -9.72 8.91 8.81
CA LYS A 105 -10.44 9.40 7.66
C LYS A 105 -11.92 9.56 7.99
N ASP A 106 -12.28 9.11 9.18
CA ASP A 106 -13.65 9.23 9.65
C ASP A 106 -14.65 8.71 8.63
N SER A 107 -14.41 7.52 8.07
CA SER A 107 -15.28 6.98 7.05
C SER A 107 -14.99 5.48 6.99
N GLU A 108 -16.02 4.72 6.63
CA GLU A 108 -15.90 3.28 6.47
C GLU A 108 -15.60 2.92 5.02
N ASP A 109 -15.72 3.87 4.09
CA ASP A 109 -15.31 3.59 2.72
C ASP A 109 -14.17 4.55 2.40
N VAL A 110 -13.00 4.03 2.66
CA VAL A 110 -11.76 4.74 2.41
C VAL A 110 -11.09 4.00 1.26
N PRO A 111 -10.70 4.69 0.15
CA PRO A 111 -10.03 3.99 -0.96
C PRO A 111 -8.78 3.26 -0.45
N MET A 112 -8.77 1.94 -0.67
CA MET A 112 -7.76 1.11 -0.05
C MET A 112 -7.63 -0.17 -0.87
N VAL A 113 -6.38 -0.66 -1.00
CA VAL A 113 -6.08 -1.91 -1.63
C VAL A 113 -5.25 -2.73 -0.66
N LEU A 114 -5.60 -4.02 -0.48
CA LEU A 114 -4.74 -4.97 0.24
C LEU A 114 -3.73 -5.53 -0.72
N VAL A 115 -2.45 -5.44 -0.31
CA VAL A 115 -1.36 -5.90 -1.19
C VAL A 115 -0.62 -7.04 -0.49
N GLY A 116 -0.56 -8.19 -1.14
CA GLY A 116 0.28 -9.30 -0.66
C GLY A 116 1.57 -9.30 -1.47
N ASN A 117 2.64 -8.75 -0.90
CA ASN A 117 3.91 -8.59 -1.62
C ASN A 117 4.82 -9.80 -1.40
N LYS A 118 5.88 -9.84 -2.22
CA LYS A 118 6.92 -10.89 -2.24
C LYS A 118 6.42 -12.19 -2.88
N CYS A 119 5.53 -12.06 -3.87
CA CYS A 119 4.91 -13.21 -4.50
CA CYS A 119 4.91 -13.25 -4.46
C CYS A 119 5.89 -13.98 -5.39
N ASP A 120 7.12 -13.46 -5.53
CA ASP A 120 8.19 -14.19 -6.22
C ASP A 120 8.70 -15.36 -5.36
N LEU A 121 8.48 -15.33 -4.03
CA LEU A 121 9.04 -16.31 -3.14
C LEU A 121 8.35 -17.64 -3.34
N PRO A 122 9.09 -18.73 -3.07
CA PRO A 122 8.58 -20.06 -3.38
C PRO A 122 7.69 -20.62 -2.28
N SER A 123 7.78 -20.04 -1.08
CA SER A 123 6.92 -20.56 -0.02
C SER A 123 6.12 -19.41 0.60
N ARG A 124 4.78 -19.52 0.54
CA ARG A 124 3.98 -18.57 1.27
C ARG A 124 3.41 -19.24 2.51
N THR A 125 3.42 -18.49 3.62
CA THR A 125 2.70 -18.89 4.83
C THR A 125 1.31 -18.25 4.88
N VAL A 126 1.08 -17.17 4.08
CA VAL A 126 -0.24 -16.58 4.06
C VAL A 126 -0.80 -16.94 2.69
N ASP A 127 -1.86 -17.76 2.68
CA ASP A 127 -2.33 -18.26 1.39
C ASP A 127 -3.26 -17.25 0.72
N THR A 128 -3.41 -17.43 -0.60
CA THR A 128 -4.19 -16.49 -1.39
C THR A 128 -5.61 -16.41 -0.83
N LYS A 129 -6.14 -17.58 -0.43
CA LYS A 129 -7.49 -17.71 0.07
C LYS A 129 -7.69 -16.85 1.31
N GLN A 130 -6.72 -16.86 2.23
CA GLN A 130 -6.83 -16.12 3.48
C GLN A 130 -6.93 -14.62 3.19
N ALA A 131 -6.04 -14.15 2.29
CA ALA A 131 -5.99 -12.72 1.97
C ALA A 131 -7.25 -12.28 1.20
N GLN A 132 -7.64 -13.14 0.25
CA GLN A 132 -8.81 -12.80 -0.55
C GLN A 132 -10.06 -12.72 0.32
N ASP A 133 -10.22 -13.66 1.25
CA ASP A 133 -11.34 -13.64 2.18
C ASP A 133 -11.32 -12.34 2.98
N LEU A 134 -10.14 -11.92 3.49
CA LEU A 134 -10.14 -10.72 4.31
C LEU A 134 -10.47 -9.47 3.51
N ALA A 135 -9.87 -9.33 2.29
CA ALA A 135 -10.15 -8.21 1.39
C ALA A 135 -11.66 -8.13 1.09
N ARG A 136 -12.29 -9.29 0.86
CA ARG A 136 -13.71 -9.34 0.54
C ARG A 136 -14.53 -8.89 1.74
N SER A 137 -14.14 -9.30 2.97
CA SER A 137 -14.82 -8.81 4.17
C SER A 137 -14.78 -7.29 4.28
N TYR A 138 -13.61 -6.70 3.98
CA TYR A 138 -13.45 -5.26 4.11
C TYR A 138 -14.01 -4.52 2.91
N GLY A 139 -14.36 -5.23 1.82
CA GLY A 139 -14.83 -4.51 0.64
C GLY A 139 -13.75 -3.74 -0.10
N ILE A 140 -12.58 -4.37 -0.22
CA ILE A 140 -11.47 -3.75 -0.95
C ILE A 140 -10.83 -4.77 -1.86
N PRO A 141 -10.16 -4.30 -2.94
CA PRO A 141 -9.42 -5.23 -3.80
C PRO A 141 -8.24 -5.86 -3.08
N PHE A 142 -7.86 -7.07 -3.50
CA PHE A 142 -6.61 -7.72 -3.09
C PHE A 142 -5.77 -7.93 -4.34
N ILE A 143 -4.51 -7.49 -4.30
CA ILE A 143 -3.60 -7.64 -5.42
C ILE A 143 -2.27 -8.21 -4.90
N GLU A 144 -1.83 -9.30 -5.52
CA GLU A 144 -0.52 -9.89 -5.26
C GLU A 144 0.54 -9.21 -6.07
N THR A 145 1.65 -8.91 -5.39
CA THR A 145 2.72 -8.18 -6.06
C THR A 145 4.08 -8.82 -5.79
N SER A 146 5.03 -8.47 -6.64
CA SER A 146 6.44 -8.63 -6.29
C SER A 146 7.16 -7.35 -6.66
N ALA A 147 7.65 -6.59 -5.66
CA ALA A 147 8.48 -5.42 -5.96
C ALA A 147 9.77 -5.84 -6.65
N LYS A 148 10.16 -7.11 -6.48
CA LYS A 148 11.38 -7.62 -7.05
C LYS A 148 11.29 -7.79 -8.57
N THR A 149 10.24 -8.48 -9.05
CA THR A 149 10.07 -8.72 -10.47
C THR A 149 9.19 -7.64 -11.12
N ARG A 150 8.51 -6.82 -10.34
CA ARG A 150 7.50 -5.87 -10.80
C ARG A 150 6.11 -6.49 -11.01
N GLN A 151 5.94 -7.81 -10.85
CA GLN A 151 4.63 -8.42 -11.03
C GLN A 151 3.59 -7.69 -10.16
N GLY A 152 2.48 -7.27 -10.75
CA GLY A 152 1.38 -6.69 -10.00
C GLY A 152 1.58 -5.28 -9.50
N VAL A 153 2.76 -4.67 -9.69
CA VAL A 153 3.04 -3.44 -8.99
C VAL A 153 2.20 -2.30 -9.60
N ASP A 154 2.21 -2.23 -10.94
CA ASP A 154 1.42 -1.18 -11.57
C ASP A 154 -0.05 -1.43 -11.25
N ASP A 155 -0.49 -2.68 -11.31
CA ASP A 155 -1.86 -3.01 -11.00
C ASP A 155 -2.24 -2.50 -9.61
N ALA A 156 -1.36 -2.70 -8.58
CA ALA A 156 -1.76 -2.31 -7.22
C ALA A 156 -1.96 -0.79 -7.13
N PHE A 157 -1.02 -0.02 -7.69
CA PHE A 157 -1.16 1.43 -7.60
C PHE A 157 -2.25 1.96 -8.50
N TYR A 158 -2.40 1.37 -9.70
CA TYR A 158 -3.44 1.86 -10.61
C TYR A 158 -4.81 1.51 -10.05
N THR A 159 -4.96 0.31 -9.46
CA THR A 159 -6.21 -0.04 -8.83
C THR A 159 -6.58 0.96 -7.73
N LEU A 160 -5.58 1.31 -6.91
CA LEU A 160 -5.86 2.25 -5.84
C LEU A 160 -6.36 3.59 -6.42
N VAL A 161 -5.71 4.08 -7.49
CA VAL A 161 -6.17 5.31 -8.15
C VAL A 161 -7.61 5.14 -8.62
N ARG A 162 -7.96 3.99 -9.23
CA ARG A 162 -9.34 3.79 -9.69
C ARG A 162 -10.29 3.88 -8.49
N GLU A 163 -9.90 3.26 -7.37
CA GLU A 163 -10.68 3.30 -6.15
C GLU A 163 -10.92 4.73 -5.68
N ILE A 164 -9.91 5.60 -5.77
CA ILE A 164 -10.02 7.01 -5.41
C ILE A 164 -10.96 7.72 -6.38
N ARG A 165 -10.79 7.44 -7.68
CA ARG A 165 -11.61 8.10 -8.68
C ARG A 165 -13.06 7.70 -8.44
N LYS A 166 -13.36 6.42 -8.14
CA LYS A 166 -14.74 6.05 -7.84
C LYS A 166 -15.19 6.90 -6.65
N HIS A 167 -14.32 7.04 -5.64
CA HIS A 167 -14.68 7.71 -4.41
C HIS A 167 -15.05 9.18 -4.67
N LYS A 168 -14.27 9.88 -5.51
CA LYS A 168 -14.76 11.16 -6.00
C LYS A 168 -15.79 10.89 -7.12
PB GDP B . 9.66 -1.74 4.27
O1B GDP B . 8.24 -2.28 4.18
O2B GDP B . 9.94 -0.40 3.60
O3B GDP B . 10.25 -1.86 5.67
O3A GDP B . 10.43 -2.86 3.34
PA GDP B . 11.53 -2.67 2.18
O1A GDP B . 10.86 -2.20 0.98
O2A GDP B . 12.70 -1.95 2.76
O5' GDP B . 11.89 -4.24 1.90
C5' GDP B . 12.39 -4.97 2.99
C4' GDP B . 13.28 -6.08 2.47
O4' GDP B . 12.40 -7.01 1.69
C3' GDP B . 14.34 -5.65 1.47
O3' GDP B . 15.43 -6.58 1.66
C2' GDP B . 13.74 -5.85 0.12
O2' GDP B . 14.70 -6.06 -0.93
C1' GDP B . 12.88 -7.07 0.33
N9 GDP B . 11.75 -7.16 -0.57
C8 GDP B . 10.89 -6.13 -0.79
N7 GDP B . 9.98 -6.45 -1.67
C5 GDP B . 10.29 -7.75 -2.05
C6 GDP B . 9.67 -8.62 -3.01
O6 GDP B . 8.65 -8.40 -3.71
N1 GDP B . 10.33 -9.84 -3.06
C2 GDP B . 11.43 -10.16 -2.33
N2 GDP B . 11.89 -11.42 -2.55
N3 GDP B . 12.02 -9.36 -1.47
C4 GDP B . 11.39 -8.18 -1.41
MG MG C . 10.72 1.35 4.14
C7 A1L65 D . -3.09 2.63 18.75
C6 A1L65 D . -3.24 3.39 17.60
C8 A1L65 D . -1.93 1.93 19.04
C5 A1L65 D . -2.17 3.46 16.73
C9 A1L65 D . -0.87 2.01 18.13
C16 A1L65 D . 2.53 2.63 11.81
C41 A1L65 D . -2.61 6.53 12.54
C44 A1L65 D . 0.22 6.12 14.68
C17 A1L65 D . 2.54 1.56 12.74
C42 A1L65 D . -0.59 5.67 13.59
C4 A1L65 D . -0.51 4.57 12.74
C14 A1L65 D . 0.58 3.59 12.76
C15 A1L65 D . 1.58 3.61 11.79
C10 A1L65 D . -1.03 2.78 16.99
C40 A1L65 D . -1.52 4.48 11.78
C18 A1L65 D . 1.52 1.52 13.66
C43 A1L65 D . -1.62 6.60 13.48
C13 A1L65 D . 0.60 2.57 13.67
C39 A1L65 D . -2.53 5.42 11.72
C29 A1L65 D . 3.38 0.47 12.69
C27 A1L65 D . 2.23 -0.51 14.38
C1 A1L65 D . 1.82 4.27 9.32
C2 A1L65 D . 2.91 5.02 10.00
C20 A1L65 D . 1.08 -1.46 17.35
C24 A1L65 D . 0.45 -3.33 15.73
C36 A1L65 D . 5.98 -0.70 10.47
C32 A1L65 D . 6.45 -0.78 12.79
C31 A1L65 D . 5.22 1.35 11.12
C21 A1L65 D . -0.18 -1.77 18.17
C23 A1L65 D . -0.61 -3.74 16.74
C3 A1L65 D . 1.65 4.68 10.76
C37 A1L65 D . 5.31 -0.87 11.83
C35 A1L65 D . 6.56 0.61 10.90
C25 A1L65 D . 0.91 -1.86 15.88
C47 A1L65 D . -1.62 3.35 10.77
C11 A1L65 D . 0.11 2.90 15.99
N46 A1L65 D . -0.31 7.26 15.14
N19 A1L65 D . 1.36 0.48 14.54
N28 A1L65 D . 3.23 -0.59 13.50
N45 A1L65 D . -1.41 7.57 14.46
N33 A1L65 D . 7.30 0.12 12.06
N30 A1L65 D . 4.48 0.33 11.85
O22 A1L65 D . -0.36 -3.21 18.06
O12 A1L65 D . -0.43 2.52 14.66
O26 A1L65 D . 2.17 -1.62 15.22
F48 A1L65 D . -3.48 5.33 10.78
#